data_9FWJ
#
_entry.id   9FWJ
#
_cell.length_a   61.193
_cell.length_b   70.522
_cell.length_c   108.654
_cell.angle_alpha   90
_cell.angle_beta   90
_cell.angle_gamma   90
#
_symmetry.space_group_name_H-M   'P 21 21 21'
#
loop_
_entity.id
_entity.type
_entity.pdbx_description
1 polymer 'Non-structural protein 10'
2 polymer 'Guanine-N7 methyltransferase nsp14'
3 non-polymer 'ZINC ION'
4 non-polymer 'MAGNESIUM ION'
5 non-polymer 2-methoxybenzamide
6 water water
#
loop_
_entity_poly.entity_id
_entity_poly.type
_entity_poly.pdbx_seq_one_letter_code
_entity_poly.pdbx_strand_id
1 'polypeptide(L)'
;AGNATEVPANSTVLSFCAFAVDAAKAYKDYLASGGQPITNCVKMLCTHTGTGQAITVTPEANMDQESFGGASCCLYCRCH
IDHPNPKGFCDLKGKYVQIPTTCANDPVGFTLKNTVCTVCGMWKGYGCSCD
;
A
2 'polypeptide(L)'
;MAENVTGLFKDCSKVITGLHPTQAPTHLSVDTKFKTEGLCVDIPGIPKDMTYRRLISMMGFKMNYQVNGYPNMFITREEA
IRHVRAWIGFDVEGCHATREAVGTNLPLQLGFSTGVNLVAVPTGYVDTPNNTDFSRVSAKPPPGDQFKHLIPLMYKGLPW
NVVRIKIVQMLSDTLKNLSDRVVFVLWAHGFELTSMKYFVKIGPERTCCLCDRRATCFSTASDTYACWHHSIGFDYVYNP
FMIDVQQWGFTGNLQSNHDLYCQVHGNAHVASCDAIMTRCLAVHECFVKR
;
B
#
# COMPACT_ATOMS: atom_id res chain seq x y z
N ALA A 1 -6.88 -15.68 10.39
CA ALA A 1 -5.49 -16.13 10.46
C ALA A 1 -4.52 -14.97 10.31
N GLY A 2 -3.32 -15.12 10.85
CA GLY A 2 -2.30 -14.09 10.75
C GLY A 2 -2.11 -13.30 12.04
N ASN A 3 -1.06 -12.50 12.07
CA ASN A 3 -0.73 -11.72 13.29
C ASN A 3 -0.55 -10.26 12.90
N ALA A 4 -1.36 -9.37 13.48
CA ALA A 4 -1.31 -7.93 13.14
C ALA A 4 0.06 -7.32 13.45
N THR A 5 0.42 -6.29 12.70
CA THR A 5 1.70 -5.58 12.94
C THR A 5 1.40 -4.14 13.19
N GLU A 6 0.19 -3.68 12.87
CA GLU A 6 -0.07 -2.22 12.94
C GLU A 6 -1.24 -1.80 13.83
N VAL A 7 -1.24 -0.54 14.24
CA VAL A 7 -2.28 0.05 15.07
C VAL A 7 -3.13 1.01 14.19
N PRO A 8 -4.42 1.23 14.51
CA PRO A 8 -5.24 2.15 13.69
C PRO A 8 -4.69 3.57 13.47
N ALA A 9 -3.93 4.11 14.44
CA ALA A 9 -3.36 5.45 14.32
C ALA A 9 -2.44 5.66 13.08
N ASN A 10 -1.85 4.58 12.56
CA ASN A 10 -0.95 4.68 11.41
C ASN A 10 -1.58 4.41 10.04
N SER A 11 -2.84 3.92 10.02
CA SER A 11 -3.54 3.57 8.78
C SER A 11 -3.51 4.64 7.71
N THR A 12 -3.92 5.88 8.03
CA THR A 12 -3.93 6.98 7.06
C THR A 12 -2.54 7.31 6.50
N VAL A 13 -1.54 7.55 7.35
CA VAL A 13 -0.20 7.88 6.88
C VAL A 13 0.45 6.75 6.05
N LEU A 14 0.30 5.49 6.49
CA LEU A 14 0.88 4.37 5.76
C LEU A 14 0.13 4.09 4.48
N SER A 15 -1.19 4.31 4.42
CA SER A 15 -1.95 4.08 3.18
C SER A 15 -1.56 5.12 2.14
N PHE A 16 -1.45 6.37 2.56
CA PHE A 16 -1.07 7.49 1.71
C PHE A 16 0.33 7.28 1.13
N CYS A 17 1.31 6.94 1.99
CA CYS A 17 2.69 6.74 1.57
C CYS A 17 2.88 5.45 0.76
N ALA A 18 2.05 4.42 1.02
CA ALA A 18 2.13 3.16 0.28
C ALA A 18 1.63 3.28 -1.18
N PHE A 19 0.86 4.32 -1.50
CA PHE A 19 0.35 4.53 -2.87
C PHE A 19 1.11 5.62 -3.64
N ALA A 20 1.92 6.41 -2.94
CA ALA A 20 2.62 7.56 -3.56
C ALA A 20 3.72 7.17 -4.55
N VAL A 21 3.98 8.04 -5.52
CA VAL A 21 5.13 7.85 -6.46
C VAL A 21 6.37 8.25 -5.67
N ASP A 22 6.32 9.37 -4.96
CA ASP A 22 7.42 9.83 -4.09
C ASP A 22 6.98 9.69 -2.63
N ALA A 23 7.22 8.53 -2.04
CA ALA A 23 6.82 8.29 -0.65
C ALA A 23 7.53 9.22 0.34
N ALA A 24 8.82 9.52 0.13
CA ALA A 24 9.53 10.44 1.01
C ALA A 24 8.88 11.84 1.00
N LYS A 25 8.58 12.38 -0.21
CA LYS A 25 7.93 13.68 -0.34
C LYS A 25 6.54 13.60 0.26
N ALA A 26 5.80 12.50 -0.02
CA ALA A 26 4.45 12.31 0.57
C ALA A 26 4.49 12.36 2.11
N TYR A 27 5.48 11.73 2.76
CA TYR A 27 5.58 11.79 4.24
C TYR A 27 5.90 13.21 4.73
N LYS A 28 6.88 13.88 4.11
CA LYS A 28 7.23 15.26 4.50
C LYS A 28 6.03 16.19 4.31
N ASP A 29 5.25 16.01 3.24
CA ASP A 29 4.06 16.81 2.97
C ASP A 29 2.95 16.49 3.96
N TYR A 30 2.82 15.23 4.35
CA TYR A 30 1.88 14.78 5.36
C TYR A 30 2.17 15.46 6.71
N LEU A 31 3.44 15.53 7.10
CA LEU A 31 3.83 16.18 8.34
C LEU A 31 3.60 17.70 8.22
N ALA A 32 3.91 18.29 7.07
CA ALA A 32 3.72 19.72 6.85
C ALA A 32 2.24 20.11 6.86
N SER A 33 1.33 19.17 6.54
CA SER A 33 -0.11 19.42 6.58
C SER A 33 -0.73 19.12 7.96
N GLY A 34 0.08 18.94 8.98
CA GLY A 34 -0.39 18.71 10.34
C GLY A 34 -0.59 17.27 10.76
N GLY A 35 -0.25 16.33 9.88
CA GLY A 35 -0.41 14.91 10.17
C GLY A 35 0.47 14.45 11.30
N GLN A 36 0.00 13.48 12.10
CA GLN A 36 0.79 12.96 13.21
C GLN A 36 1.90 12.02 12.72
N PRO A 37 3.09 12.08 13.33
CA PRO A 37 4.18 11.20 12.89
C PRO A 37 3.84 9.72 13.08
N ILE A 38 4.50 8.85 12.28
CA ILE A 38 4.33 7.39 12.37
C ILE A 38 4.72 6.94 13.78
N THR A 39 3.83 6.22 14.43
CA THR A 39 4.05 5.72 15.79
C THR A 39 4.23 4.18 15.74
N ASN A 40 4.32 3.48 16.92
CA ASN A 40 4.46 2.03 16.96
C ASN A 40 5.89 1.59 16.54
N CYS A 41 6.89 2.49 16.74
CA CYS A 41 8.28 2.19 16.45
C CYS A 41 8.86 1.25 17.52
N VAL A 42 10.02 0.62 17.22
CA VAL A 42 10.67 -0.28 18.16
C VAL A 42 11.68 0.51 18.99
N LYS A 43 11.22 1.10 20.09
CA LYS A 43 12.06 1.89 20.97
C LYS A 43 12.75 0.94 21.96
N MET A 44 14.05 1.10 22.15
CA MET A 44 14.81 0.20 23.02
C MET A 44 15.03 0.67 24.45
N LEU A 45 14.99 -0.28 25.37
CA LEU A 45 15.33 -0.08 26.76
C LEU A 45 16.83 -0.33 26.79
N CYS A 46 17.61 0.72 27.01
CA CYS A 46 19.07 0.63 26.97
C CYS A 46 19.71 1.46 28.08
N THR A 47 21.00 1.22 28.37
CA THR A 47 21.68 1.90 29.47
C THR A 47 22.01 3.37 29.23
N HIS A 48 22.01 3.80 27.97
CA HIS A 48 22.36 5.17 27.58
C HIS A 48 23.85 5.50 27.86
N THR A 49 24.70 4.46 27.88
CA THR A 49 26.15 4.53 28.01
C THR A 49 26.78 4.00 26.71
N GLY A 50 26.18 4.36 25.57
CA GLY A 50 26.63 3.94 24.24
C GLY A 50 27.52 4.97 23.58
N THR A 51 28.10 4.60 22.45
CA THR A 51 29.04 5.44 21.72
C THR A 51 28.43 6.66 21.04
N GLY A 52 27.12 6.66 20.84
CA GLY A 52 26.47 7.77 20.16
C GLY A 52 26.48 7.71 18.64
N GLN A 53 27.04 6.63 18.06
CA GLN A 53 27.05 6.45 16.61
C GLN A 53 25.60 6.32 16.09
N ALA A 54 25.33 6.79 14.86
CA ALA A 54 24.00 6.79 14.27
C ALA A 54 23.41 5.40 13.95
N ILE A 55 24.14 4.53 13.24
CA ILE A 55 23.64 3.20 12.86
C ILE A 55 24.65 2.18 13.36
N THR A 56 24.19 1.25 14.22
CA THR A 56 25.05 0.29 14.91
C THR A 56 24.46 -1.15 15.00
N VAL A 57 25.30 -2.16 15.27
CA VAL A 57 24.80 -3.54 15.40
C VAL A 57 24.11 -3.80 16.77
N THR A 58 24.44 -3.00 17.79
CA THR A 58 23.80 -3.07 19.11
C THR A 58 23.31 -1.66 19.48
N PRO A 59 22.36 -1.48 20.41
CA PRO A 59 21.93 -0.11 20.77
C PRO A 59 23.11 0.67 21.35
N GLU A 60 23.40 1.84 20.78
CA GLU A 60 24.50 2.66 21.22
C GLU A 60 24.06 4.05 21.65
N ALA A 61 22.83 4.19 22.16
CA ALA A 61 22.32 5.49 22.56
C ALA A 61 23.15 6.07 23.69
N ASN A 62 23.41 7.37 23.62
CA ASN A 62 24.09 8.06 24.72
C ASN A 62 23.01 8.76 25.59
N MET A 63 23.39 9.66 26.51
CA MET A 63 22.41 10.31 27.37
C MET A 63 21.49 11.27 26.62
N ASP A 64 21.91 11.74 25.43
CA ASP A 64 21.10 12.66 24.64
C ASP A 64 20.34 12.01 23.48
N GLN A 65 20.33 10.66 23.40
CA GLN A 65 19.66 9.95 22.32
C GLN A 65 18.70 8.86 22.81
N GLU A 66 17.92 8.32 21.88
CA GLU A 66 17.06 7.17 22.04
C GLU A 66 17.48 6.13 20.98
N SER A 67 17.46 4.86 21.33
CA SER A 67 17.81 3.79 20.39
C SER A 67 16.55 3.18 19.86
N PHE A 68 16.53 2.88 18.58
CA PHE A 68 15.38 2.22 17.96
C PHE A 68 15.87 1.11 17.03
N GLY A 69 15.01 0.13 16.75
CA GLY A 69 15.31 -0.87 15.74
C GLY A 69 15.18 -0.18 14.39
N GLY A 70 16.15 -0.37 13.51
CA GLY A 70 16.24 0.30 12.23
C GLY A 70 15.09 0.13 11.24
N ALA A 71 14.50 -1.07 11.16
CA ALA A 71 13.37 -1.29 10.24
C ALA A 71 12.16 -0.43 10.63
N SER A 72 11.97 -0.18 11.92
CA SER A 72 10.85 0.62 12.40
C SER A 72 11.00 2.13 12.19
N CYS A 73 12.22 2.59 11.84
CA CYS A 73 12.56 3.98 11.54
C CYS A 73 12.63 4.26 10.03
N CYS A 74 12.41 3.24 9.21
CA CYS A 74 12.53 3.37 7.78
C CYS A 74 11.15 3.40 7.16
N LEU A 75 10.83 4.50 6.48
CA LEU A 75 9.55 4.70 5.80
C LEU A 75 9.24 3.56 4.82
N TYR A 76 10.25 3.11 4.10
CA TYR A 76 10.13 2.09 3.07
C TYR A 76 9.76 0.74 3.66
N CYS A 77 10.36 0.39 4.82
CA CYS A 77 10.10 -0.82 5.57
C CYS A 77 8.68 -0.76 6.13
N ARG A 78 8.31 0.41 6.72
CA ARG A 78 6.99 0.62 7.34
C ARG A 78 5.82 0.52 6.34
N CYS A 79 6.03 0.95 5.10
CA CYS A 79 5.04 0.94 4.03
C CYS A 79 5.12 -0.26 3.12
N HIS A 80 6.19 -1.08 3.25
CA HIS A 80 6.44 -2.27 2.45
C HIS A 80 6.52 -1.91 0.97
N ILE A 81 7.26 -0.83 0.68
CA ILE A 81 7.47 -0.29 -0.67
C ILE A 81 8.94 -0.41 -1.10
N ASP A 82 9.23 -0.17 -2.38
CA ASP A 82 10.58 -0.22 -2.92
C ASP A 82 11.53 0.73 -2.19
N HIS A 83 12.78 0.29 -1.96
CA HIS A 83 13.79 1.14 -1.36
C HIS A 83 14.43 1.95 -2.47
N PRO A 84 14.71 3.24 -2.23
CA PRO A 84 15.18 4.12 -3.31
C PRO A 84 16.62 3.88 -3.84
N ASN A 85 17.43 3.04 -3.19
CA ASN A 85 18.77 2.76 -3.69
C ASN A 85 18.71 1.76 -4.88
N PRO A 86 19.69 1.79 -5.82
CA PRO A 86 19.61 0.91 -7.00
C PRO A 86 19.61 -0.59 -6.70
N LYS A 87 20.28 -1.00 -5.63
CA LYS A 87 20.30 -2.42 -5.25
C LYS A 87 18.97 -2.88 -4.59
N GLY A 88 18.11 -1.94 -4.19
CA GLY A 88 16.81 -2.19 -3.58
C GLY A 88 16.88 -2.72 -2.15
N PHE A 89 18.01 -2.53 -1.48
CA PHE A 89 18.19 -3.01 -0.11
C PHE A 89 18.18 -1.89 0.92
N CYS A 90 17.88 -2.23 2.18
CA CYS A 90 17.79 -1.23 3.24
C CYS A 90 19.07 -1.02 4.01
N ASP A 91 19.37 0.24 4.33
CA ASP A 91 20.55 0.56 5.12
C ASP A 91 20.26 0.66 6.64
N LEU A 92 18.98 0.66 7.04
CA LEU A 92 18.62 0.73 8.46
C LEU A 92 18.20 -0.64 8.98
N LYS A 93 17.46 -1.41 8.18
CA LYS A 93 16.98 -2.73 8.53
C LYS A 93 18.13 -3.68 8.91
N GLY A 94 18.00 -4.33 10.07
CA GLY A 94 19.05 -5.20 10.57
C GLY A 94 20.02 -4.52 11.51
N LYS A 95 19.90 -3.19 11.67
CA LYS A 95 20.75 -2.40 12.56
C LYS A 95 19.88 -1.63 13.57
N TYR A 96 20.52 -0.89 14.49
CA TYR A 96 19.88 -0.03 15.49
C TYR A 96 20.18 1.43 15.14
N VAL A 97 19.20 2.31 15.26
CA VAL A 97 19.37 3.72 14.95
C VAL A 97 19.24 4.57 16.20
N GLN A 98 20.19 5.47 16.37
CA GLN A 98 20.22 6.39 17.48
C GLN A 98 19.64 7.70 16.98
N ILE A 99 18.57 8.17 17.63
CA ILE A 99 17.87 9.41 17.27
C ILE A 99 18.04 10.38 18.44
N PRO A 100 18.38 11.67 18.22
CA PRO A 100 18.45 12.62 19.36
C PRO A 100 17.10 12.67 20.07
N THR A 101 17.08 12.65 21.41
CA THR A 101 15.84 12.65 22.21
C THR A 101 14.83 13.72 21.78
N THR A 102 15.32 14.92 21.38
CA THR A 102 14.45 16.01 20.94
C THR A 102 13.67 15.68 19.66
N CYS A 103 14.14 14.71 18.86
CA CYS A 103 13.52 14.26 17.61
C CYS A 103 12.88 12.87 17.72
N ALA A 104 12.93 12.21 18.89
CA ALA A 104 12.39 10.86 19.10
C ALA A 104 10.89 10.71 18.90
N ASN A 105 10.15 11.83 18.85
CA ASN A 105 8.72 11.80 18.56
C ASN A 105 8.47 11.40 17.09
N ASP A 106 9.45 11.62 16.20
CA ASP A 106 9.33 11.26 14.80
C ASP A 106 10.61 10.59 14.28
N PRO A 107 10.92 9.35 14.70
CA PRO A 107 12.12 8.68 14.19
C PRO A 107 12.10 8.37 12.70
N VAL A 108 10.91 8.15 12.09
CA VAL A 108 10.85 7.87 10.65
C VAL A 108 11.24 9.13 9.84
N GLY A 109 10.75 10.28 10.29
CA GLY A 109 11.03 11.58 9.69
C GLY A 109 12.45 12.02 9.91
N PHE A 110 13.03 11.66 11.06
CA PHE A 110 14.41 11.99 11.34
C PHE A 110 15.36 11.27 10.35
N THR A 111 15.20 9.96 10.16
CA THR A 111 16.06 9.23 9.23
C THR A 111 15.81 9.62 7.76
N LEU A 112 14.61 10.14 7.45
CA LEU A 112 14.28 10.57 6.10
C LEU A 112 14.98 11.88 5.78
N LYS A 113 15.06 12.80 6.74
CA LYS A 113 15.61 14.13 6.51
C LYS A 113 17.10 14.27 6.76
N ASN A 114 17.67 13.43 7.62
CA ASN A 114 19.07 13.56 8.01
C ASN A 114 20.00 12.55 7.36
N THR A 115 21.32 12.88 7.37
CA THR A 115 22.39 12.06 6.80
C THR A 115 23.48 11.78 7.83
N VAL A 116 24.11 10.61 7.73
CA VAL A 116 25.18 10.23 8.65
C VAL A 116 26.54 10.57 8.04
N CYS A 117 27.45 11.19 8.81
CA CYS A 117 28.78 11.50 8.33
C CYS A 117 29.54 10.19 8.09
N THR A 118 30.02 9.99 6.85
CA THR A 118 30.74 8.76 6.52
C THR A 118 32.15 8.67 7.12
N VAL A 119 32.57 9.68 7.89
CA VAL A 119 33.88 9.68 8.53
C VAL A 119 33.78 9.38 10.04
N CYS A 120 32.94 10.14 10.77
CA CYS A 120 32.83 9.92 12.22
C CYS A 120 31.63 9.05 12.65
N GLY A 121 30.70 8.77 11.73
CA GLY A 121 29.56 7.92 12.05
C GLY A 121 28.44 8.57 12.84
N MET A 122 28.53 9.87 13.08
CA MET A 122 27.48 10.60 13.80
C MET A 122 26.57 11.34 12.79
N TRP A 123 25.34 11.69 13.21
CA TRP A 123 24.42 12.42 12.33
C TRP A 123 24.94 13.83 12.05
N LYS A 124 24.81 14.31 10.81
CA LYS A 124 25.23 15.67 10.44
C LYS A 124 24.28 16.66 11.11
N GLY A 125 24.84 17.57 11.90
CA GLY A 125 24.05 18.55 12.62
C GLY A 125 23.68 18.14 14.04
N TYR A 126 23.85 16.84 14.37
CA TYR A 126 23.51 16.33 15.71
C TYR A 126 24.60 15.36 16.23
N GLY A 127 25.81 15.87 16.36
CA GLY A 127 26.91 15.06 16.87
C GLY A 127 28.16 15.03 16.02
N CYS A 128 28.01 15.23 14.70
CA CYS A 128 29.18 15.23 13.82
C CYS A 128 30.05 16.44 14.14
N SER A 129 31.17 16.20 14.85
CA SER A 129 32.10 17.25 15.27
C SER A 129 32.85 17.90 14.12
N CYS A 130 33.32 17.10 13.17
CA CYS A 130 34.07 17.62 12.01
C CYS A 130 33.20 18.41 11.05
N ASP A 131 33.83 19.29 10.23
CA ASP A 131 33.12 20.11 9.28
C ASP A 131 33.01 19.42 7.93
N ASN B 4 -6.01 -1.85 20.55
CA ASN B 4 -6.55 -1.87 19.19
C ASN B 4 -5.46 -2.08 18.13
N VAL B 5 -5.73 -3.00 17.20
CA VAL B 5 -4.84 -3.30 16.09
C VAL B 5 -5.65 -3.23 14.78
N THR B 6 -4.95 -3.11 13.66
CA THR B 6 -5.61 -3.11 12.36
C THR B 6 -5.14 -4.32 11.55
N GLY B 7 -5.92 -4.69 10.53
CA GLY B 7 -5.55 -5.76 9.62
C GLY B 7 -4.64 -5.30 8.50
N LEU B 8 -4.36 -3.97 8.39
CA LEU B 8 -3.45 -3.47 7.36
C LEU B 8 -2.03 -3.89 7.75
N PHE B 9 -1.33 -4.52 6.82
CA PHE B 9 0.03 -5.03 6.97
C PHE B 9 0.12 -6.18 7.97
N LYS B 10 -0.96 -6.95 8.12
CA LYS B 10 -1.00 -8.13 8.99
C LYS B 10 -0.01 -9.16 8.44
N ASP B 11 0.79 -9.76 9.33
CA ASP B 11 1.75 -10.77 8.93
C ASP B 11 1.00 -12.06 8.73
N CYS B 12 0.96 -12.54 7.49
CA CYS B 12 0.25 -13.75 7.13
C CYS B 12 1.13 -15.00 7.08
N SER B 13 2.38 -14.95 7.58
CA SER B 13 3.25 -16.13 7.58
C SER B 13 2.83 -17.18 8.62
N LYS B 14 3.40 -18.39 8.56
CA LYS B 14 3.12 -19.42 9.56
C LYS B 14 4.28 -19.58 10.59
N VAL B 15 5.31 -18.70 10.54
CA VAL B 15 6.45 -18.68 11.46
C VAL B 15 5.90 -18.46 12.87
N ILE B 16 6.30 -19.31 13.82
CA ILE B 16 5.79 -19.25 15.20
C ILE B 16 6.35 -18.08 16.01
N THR B 17 7.54 -17.60 15.65
CA THR B 17 8.18 -16.50 16.37
C THR B 17 7.92 -15.14 15.73
N GLY B 18 8.02 -14.09 16.54
CA GLY B 18 7.97 -12.73 16.04
C GLY B 18 9.33 -12.33 15.47
N LEU B 19 9.50 -11.05 15.16
CA LEU B 19 10.74 -10.57 14.58
C LEU B 19 11.74 -10.02 15.59
N HIS B 20 13.03 -10.02 15.21
CA HIS B 20 14.10 -9.47 16.01
C HIS B 20 13.91 -7.94 16.06
N PRO B 21 14.22 -7.24 17.18
CA PRO B 21 14.01 -5.78 17.22
C PRO B 21 14.56 -4.96 16.03
N THR B 22 15.67 -5.37 15.42
CA THR B 22 16.24 -4.66 14.26
C THR B 22 15.54 -4.95 12.93
N GLN B 23 14.74 -6.01 12.88
CA GLN B 23 14.08 -6.43 11.65
C GLN B 23 12.58 -6.21 11.65
N ALA B 24 11.99 -6.06 12.82
CA ALA B 24 10.57 -5.81 12.98
C ALA B 24 10.21 -4.40 12.54
N PRO B 25 9.22 -4.26 11.64
CA PRO B 25 8.81 -2.91 11.24
C PRO B 25 8.12 -2.17 12.39
N THR B 26 7.49 -2.91 13.31
CA THR B 26 6.75 -2.30 14.40
C THR B 26 7.03 -2.98 15.74
N HIS B 27 6.71 -2.30 16.85
CA HIS B 27 6.83 -2.83 18.19
C HIS B 27 5.92 -4.06 18.34
N LEU B 28 4.71 -4.04 17.75
CA LEU B 28 3.80 -5.17 17.82
C LEU B 28 4.40 -6.45 17.24
N SER B 29 5.12 -6.34 16.12
CA SER B 29 5.71 -7.50 15.47
C SER B 29 7.01 -7.99 16.09
N VAL B 30 7.56 -7.31 17.11
CA VAL B 30 8.78 -7.79 17.75
C VAL B 30 8.42 -9.04 18.54
N ASP B 31 9.27 -10.07 18.49
N ASP B 31 9.27 -10.07 18.49
CA ASP B 31 9.06 -11.31 19.24
CA ASP B 31 9.06 -11.31 19.24
C ASP B 31 8.91 -11.02 20.74
C ASP B 31 8.91 -11.02 20.74
N THR B 32 7.99 -11.71 21.41
CA THR B 32 7.65 -11.54 22.83
C THR B 32 8.88 -11.68 23.75
N LYS B 33 9.90 -12.48 23.36
CA LYS B 33 11.15 -12.64 24.13
C LYS B 33 11.83 -11.31 24.45
N PHE B 34 11.68 -10.31 23.56
CA PHE B 34 12.37 -9.04 23.68
C PHE B 34 11.59 -7.93 24.34
N LYS B 35 10.32 -8.17 24.70
CA LYS B 35 9.48 -7.13 25.27
C LYS B 35 9.54 -7.04 26.78
N THR B 36 9.71 -5.81 27.29
CA THR B 36 9.75 -5.51 28.72
C THR B 36 9.49 -4.03 28.94
N GLU B 37 8.74 -3.69 29.99
CA GLU B 37 8.44 -2.31 30.40
C GLU B 37 7.91 -1.38 29.30
N GLY B 38 7.07 -1.90 28.41
CA GLY B 38 6.52 -1.11 27.32
C GLY B 38 7.50 -0.84 26.18
N LEU B 39 8.76 -1.30 26.32
CA LEU B 39 9.83 -1.13 25.35
C LEU B 39 10.36 -2.50 24.88
N CYS B 40 11.50 -2.54 24.19
CA CYS B 40 12.15 -3.76 23.72
C CYS B 40 13.59 -3.76 24.20
N VAL B 41 14.21 -4.94 24.31
CA VAL B 41 15.61 -5.04 24.67
C VAL B 41 16.36 -5.84 23.63
N ASP B 42 17.61 -5.49 23.44
CA ASP B 42 18.49 -6.23 22.59
C ASP B 42 19.01 -7.36 23.48
N ILE B 43 19.03 -8.60 22.98
CA ILE B 43 19.55 -9.72 23.75
C ILE B 43 20.73 -10.30 23.00
N PRO B 44 21.96 -9.91 23.35
CA PRO B 44 23.13 -10.46 22.64
C PRO B 44 23.16 -11.97 22.79
N GLY B 45 23.32 -12.67 21.69
CA GLY B 45 23.27 -14.12 21.69
C GLY B 45 22.05 -14.62 20.94
N ILE B 46 20.95 -13.84 20.89
CA ILE B 46 19.77 -14.23 20.11
C ILE B 46 19.92 -13.55 18.74
N PRO B 47 20.26 -14.31 17.69
CA PRO B 47 20.53 -13.68 16.38
C PRO B 47 19.33 -13.28 15.55
N LYS B 48 19.59 -12.50 14.48
CA LYS B 48 18.59 -12.12 13.51
C LYS B 48 18.24 -13.36 12.65
N ASP B 49 17.10 -13.30 11.94
CA ASP B 49 16.72 -14.37 11.02
C ASP B 49 17.10 -13.80 9.64
N MET B 50 17.97 -14.52 8.92
CA MET B 50 18.39 -14.03 7.60
C MET B 50 17.79 -14.77 6.45
N THR B 51 16.74 -15.60 6.66
CA THR B 51 16.13 -16.33 5.54
C THR B 51 14.60 -16.24 5.47
N TYR B 52 13.96 -15.39 6.30
CA TYR B 52 12.50 -15.33 6.31
C TYR B 52 11.89 -14.70 5.05
N ARG B 53 10.67 -15.14 4.74
CA ARG B 53 9.83 -14.66 3.67
C ARG B 53 8.42 -14.58 4.29
N ARG B 54 8.01 -13.38 4.73
CA ARG B 54 6.75 -13.18 5.41
C ARG B 54 5.72 -12.40 4.58
N LEU B 55 4.65 -13.07 4.16
CA LEU B 55 3.60 -12.39 3.38
C LEU B 55 2.92 -11.32 4.23
N ILE B 56 2.83 -10.11 3.71
CA ILE B 56 2.21 -8.99 4.41
C ILE B 56 0.91 -8.66 3.71
N SER B 57 -0.20 -8.60 4.46
CA SER B 57 -1.53 -8.31 3.94
C SER B 57 -1.73 -6.86 3.53
N MET B 58 -2.25 -6.65 2.29
CA MET B 58 -2.57 -5.33 1.78
C MET B 58 -4.08 -5.03 1.90
N MET B 59 -4.76 -5.67 2.85
CA MET B 59 -6.18 -5.50 3.11
C MET B 59 -6.34 -4.56 4.27
N GLY B 60 -7.05 -3.46 4.07
CA GLY B 60 -7.27 -2.50 5.15
C GLY B 60 -6.79 -1.08 4.92
N PHE B 61 -6.55 -0.69 3.65
CA PHE B 61 -6.12 0.68 3.33
C PHE B 61 -7.23 1.70 3.66
N LYS B 62 -6.87 2.89 4.17
CA LYS B 62 -7.81 3.95 4.52
C LYS B 62 -7.36 5.19 3.79
N MET B 63 -8.04 5.58 2.69
CA MET B 63 -7.61 6.73 1.92
C MET B 63 -8.29 8.04 2.36
N ASN B 64 -8.11 8.42 3.63
CA ASN B 64 -8.78 9.61 4.15
C ASN B 64 -7.82 10.72 4.60
N TYR B 65 -6.68 10.83 3.93
CA TYR B 65 -5.65 11.83 4.19
C TYR B 65 -6.13 13.20 3.71
N GLN B 66 -5.60 14.27 4.32
CA GLN B 66 -5.94 15.65 3.95
C GLN B 66 -4.61 16.35 3.77
N VAL B 67 -4.04 16.28 2.56
CA VAL B 67 -2.72 16.87 2.33
C VAL B 67 -2.78 17.96 1.25
N ASN B 68 -2.29 19.18 1.56
CA ASN B 68 -2.28 20.30 0.64
C ASN B 68 -1.58 19.94 -0.67
N GLY B 69 -2.28 20.10 -1.79
CA GLY B 69 -1.75 19.80 -3.12
C GLY B 69 -1.99 18.39 -3.60
N TYR B 70 -2.55 17.52 -2.75
CA TYR B 70 -2.84 16.15 -3.14
C TYR B 70 -4.35 15.99 -3.20
N PRO B 71 -4.91 15.61 -4.35
CA PRO B 71 -6.36 15.42 -4.43
C PRO B 71 -6.85 14.19 -3.65
N ASN B 72 -8.13 14.18 -3.30
CA ASN B 72 -8.74 13.06 -2.59
C ASN B 72 -9.12 11.98 -3.60
N MET B 73 -8.92 10.70 -3.28
CA MET B 73 -9.26 9.60 -4.18
C MET B 73 -10.78 9.41 -4.15
N PHE B 74 -11.36 9.29 -2.94
CA PHE B 74 -12.79 9.08 -2.76
C PHE B 74 -13.51 10.40 -2.83
N ILE B 75 -14.33 10.56 -3.87
CA ILE B 75 -15.09 11.78 -4.12
C ILE B 75 -16.54 11.65 -3.66
N THR B 76 -17.24 12.80 -3.51
CA THR B 76 -18.65 12.81 -3.10
C THR B 76 -19.56 12.33 -4.26
N ARG B 77 -20.83 11.98 -3.94
N ARG B 77 -20.82 11.97 -3.94
CA ARG B 77 -21.84 11.55 -4.89
CA ARG B 77 -21.84 11.56 -4.92
C ARG B 77 -22.11 12.67 -5.92
C ARG B 77 -22.10 12.68 -5.93
N GLU B 78 -22.11 13.93 -5.46
CA GLU B 78 -22.36 15.08 -6.32
C GLU B 78 -21.19 15.35 -7.25
N GLU B 79 -19.97 15.05 -6.83
CA GLU B 79 -18.79 15.23 -7.72
C GLU B 79 -18.73 14.09 -8.72
N ALA B 80 -19.15 12.90 -8.33
CA ALA B 80 -19.21 11.75 -9.25
C ALA B 80 -20.23 12.01 -10.35
N ILE B 81 -21.38 12.58 -9.99
CA ILE B 81 -22.46 12.88 -10.99
C ILE B 81 -21.92 13.86 -12.04
N ARG B 82 -21.17 14.87 -11.61
CA ARG B 82 -20.58 15.84 -12.55
C ARG B 82 -19.65 15.10 -13.52
N HIS B 83 -19.03 14.00 -13.07
CA HIS B 83 -18.04 13.27 -13.91
C HIS B 83 -18.58 11.89 -14.30
N VAL B 84 -19.87 11.80 -14.61
CA VAL B 84 -20.45 10.53 -15.02
C VAL B 84 -19.76 9.98 -16.30
N ARG B 85 -19.19 10.84 -17.16
CA ARG B 85 -18.46 10.38 -18.36
C ARG B 85 -17.21 9.57 -18.02
N ALA B 86 -16.62 9.82 -16.84
CA ALA B 86 -15.42 9.14 -16.38
C ALA B 86 -15.69 7.83 -15.65
N TRP B 87 -16.97 7.47 -15.42
CA TRP B 87 -17.32 6.25 -14.69
C TRP B 87 -16.91 4.96 -15.37
N ILE B 88 -16.16 4.16 -14.62
CA ILE B 88 -15.74 2.83 -15.00
C ILE B 88 -16.02 1.95 -13.77
N GLY B 89 -16.99 1.04 -13.87
CA GLY B 89 -17.27 0.09 -12.81
C GLY B 89 -16.08 -0.85 -12.65
N PHE B 90 -15.78 -1.29 -11.43
CA PHE B 90 -14.61 -2.13 -11.20
C PHE B 90 -14.87 -3.10 -10.06
N ASP B 91 -14.52 -4.38 -10.29
CA ASP B 91 -14.71 -5.44 -9.30
C ASP B 91 -13.56 -6.41 -9.43
N VAL B 92 -13.08 -6.94 -8.31
CA VAL B 92 -12.02 -7.93 -8.33
C VAL B 92 -12.46 -9.20 -7.63
N GLU B 93 -12.31 -10.33 -8.30
CA GLU B 93 -12.51 -11.63 -7.68
C GLU B 93 -11.11 -12.06 -7.29
N GLY B 94 -10.96 -12.53 -6.08
CA GLY B 94 -9.66 -12.91 -5.56
C GLY B 94 -9.51 -14.36 -5.20
N CYS B 95 -8.29 -14.73 -4.82
CA CYS B 95 -7.98 -16.06 -4.34
C CYS B 95 -7.31 -15.95 -2.95
N HIS B 96 -7.30 -17.04 -2.18
CA HIS B 96 -6.72 -17.04 -0.84
C HIS B 96 -5.26 -17.43 -0.82
N ALA B 97 -4.45 -16.78 0.02
CA ALA B 97 -3.04 -17.15 0.17
C ALA B 97 -2.99 -18.55 0.83
N THR B 98 -2.05 -19.39 0.39
CA THR B 98 -1.97 -20.76 0.88
C THR B 98 -0.52 -21.24 1.08
N ARG B 99 -0.35 -22.43 1.69
CA ARG B 99 0.92 -23.12 1.91
C ARG B 99 1.86 -22.30 2.85
N GLU B 100 2.78 -21.49 2.31
CA GLU B 100 3.71 -20.68 3.10
C GLU B 100 3.05 -19.49 3.82
N ALA B 101 1.75 -19.24 3.58
CA ALA B 101 1.04 -18.13 4.18
C ALA B 101 -0.48 -18.38 4.25
N VAL B 102 -1.18 -17.67 5.13
CA VAL B 102 -2.63 -17.77 5.29
C VAL B 102 -3.14 -16.50 5.97
N GLY B 103 -4.26 -15.95 5.49
CA GLY B 103 -4.84 -14.77 6.11
C GLY B 103 -5.09 -13.58 5.20
N THR B 104 -4.83 -13.70 3.90
CA THR B 104 -5.06 -12.58 2.98
C THR B 104 -5.47 -13.01 1.58
N ASN B 105 -6.16 -12.12 0.87
CA ASN B 105 -6.59 -12.37 -0.50
C ASN B 105 -5.69 -11.68 -1.49
N LEU B 106 -5.58 -12.26 -2.68
CA LEU B 106 -4.74 -11.72 -3.73
C LEU B 106 -5.57 -11.54 -5.00
N PRO B 107 -5.34 -10.47 -5.76
CA PRO B 107 -6.11 -10.27 -7.00
C PRO B 107 -5.98 -11.44 -7.98
N LEU B 108 -7.12 -11.87 -8.55
CA LEU B 108 -7.14 -12.97 -9.51
C LEU B 108 -7.84 -12.51 -10.80
N GLN B 109 -9.10 -12.06 -10.73
CA GLN B 109 -9.80 -11.58 -11.92
C GLN B 109 -10.22 -10.12 -11.74
N LEU B 110 -9.76 -9.25 -12.62
CA LEU B 110 -10.07 -7.83 -12.54
C LEU B 110 -11.07 -7.46 -13.64
N GLY B 111 -12.28 -7.13 -13.22
CA GLY B 111 -13.34 -6.81 -14.16
C GLY B 111 -13.69 -5.35 -14.22
N PHE B 112 -14.01 -4.87 -15.42
CA PHE B 112 -14.37 -3.48 -15.65
C PHE B 112 -15.73 -3.40 -16.38
N SER B 113 -16.44 -2.26 -16.28
CA SER B 113 -17.75 -2.11 -16.93
C SER B 113 -17.66 -2.09 -18.48
N THR B 114 -16.43 -2.07 -19.02
CA THR B 114 -16.13 -2.16 -20.45
C THR B 114 -16.23 -3.62 -20.98
N GLY B 115 -16.56 -4.58 -20.11
CA GLY B 115 -16.65 -5.99 -20.48
C GLY B 115 -15.34 -6.75 -20.34
N VAL B 116 -14.24 -6.03 -20.05
CA VAL B 116 -12.90 -6.55 -19.90
C VAL B 116 -12.69 -7.28 -18.59
N ASN B 117 -12.06 -8.45 -18.67
CA ASN B 117 -11.64 -9.28 -17.56
C ASN B 117 -10.15 -9.52 -17.81
N LEU B 118 -9.31 -9.22 -16.82
CA LEU B 118 -7.88 -9.44 -16.91
C LEU B 118 -7.51 -10.37 -15.77
N VAL B 119 -6.83 -11.49 -16.08
CA VAL B 119 -6.44 -12.45 -15.06
C VAL B 119 -4.99 -12.20 -14.66
N ALA B 120 -4.72 -12.17 -13.36
CA ALA B 120 -3.36 -11.94 -12.88
C ALA B 120 -2.80 -13.17 -12.20
N VAL B 121 -1.48 -13.33 -12.26
CA VAL B 121 -0.73 -14.37 -11.54
C VAL B 121 -0.88 -14.00 -10.04
N PRO B 122 -1.24 -14.95 -9.14
CA PRO B 122 -1.32 -14.62 -7.73
C PRO B 122 0.00 -14.05 -7.24
N THR B 123 0.00 -12.76 -6.90
CA THR B 123 1.25 -12.07 -6.52
C THR B 123 1.03 -11.37 -5.20
N GLY B 124 2.08 -11.24 -4.39
CA GLY B 124 1.95 -10.64 -3.06
C GLY B 124 3.16 -9.85 -2.62
N TYR B 125 3.06 -9.19 -1.46
CA TYR B 125 4.13 -8.37 -0.91
C TYR B 125 4.77 -9.14 0.22
N VAL B 126 6.00 -9.61 0.00
CA VAL B 126 6.68 -10.45 0.96
C VAL B 126 7.86 -9.77 1.64
N ASP B 127 7.78 -9.60 2.95
CA ASP B 127 8.88 -9.04 3.73
C ASP B 127 10.00 -10.06 3.87
N THR B 128 11.22 -9.63 3.58
CA THR B 128 12.45 -10.40 3.66
C THR B 128 13.43 -9.63 4.57
N PRO B 129 14.59 -10.22 4.97
CA PRO B 129 15.53 -9.47 5.83
C PRO B 129 16.13 -8.22 5.20
N ASN B 130 15.99 -8.04 3.88
CA ASN B 130 16.57 -6.89 3.19
C ASN B 130 15.55 -5.90 2.66
N ASN B 131 14.34 -6.36 2.32
CA ASN B 131 13.37 -5.50 1.66
C ASN B 131 11.95 -6.16 1.60
N THR B 132 11.07 -5.68 0.71
CA THR B 132 9.77 -6.26 0.43
C THR B 132 9.85 -6.72 -1.01
N ASP B 133 9.64 -8.00 -1.20
CA ASP B 133 9.72 -8.61 -2.51
C ASP B 133 8.31 -8.79 -3.05
N PHE B 134 8.01 -8.09 -4.16
CA PHE B 134 6.73 -8.20 -4.85
C PHE B 134 6.92 -9.45 -5.69
N SER B 135 6.27 -10.56 -5.31
CA SER B 135 6.51 -11.80 -6.03
C SER B 135 5.31 -12.75 -6.05
N ARG B 136 5.35 -13.76 -6.94
CA ARG B 136 4.29 -14.76 -7.01
C ARG B 136 4.24 -15.53 -5.70
N VAL B 137 3.04 -15.76 -5.19
CA VAL B 137 2.86 -16.53 -3.97
C VAL B 137 1.93 -17.71 -4.25
N SER B 138 1.96 -18.74 -3.39
CA SER B 138 1.03 -19.87 -3.54
C SER B 138 -0.36 -19.37 -3.19
N ALA B 139 -1.36 -19.80 -3.94
CA ALA B 139 -2.73 -19.38 -3.72
C ALA B 139 -3.73 -20.42 -4.17
N LYS B 140 -4.93 -20.40 -3.60
CA LYS B 140 -5.99 -21.32 -3.97
C LYS B 140 -7.31 -20.55 -4.16
N PRO B 141 -8.17 -20.97 -5.10
CA PRO B 141 -9.46 -20.27 -5.27
C PRO B 141 -10.36 -20.41 -4.04
N PRO B 142 -11.33 -19.50 -3.81
CA PRO B 142 -12.23 -19.66 -2.65
C PRO B 142 -13.00 -20.98 -2.74
N PRO B 143 -13.21 -21.65 -1.59
CA PRO B 143 -13.81 -23.00 -1.61
C PRO B 143 -15.24 -23.16 -2.16
N GLY B 144 -15.94 -22.06 -2.40
CA GLY B 144 -17.32 -22.13 -2.88
C GLY B 144 -17.54 -22.67 -4.28
N ASP B 145 -18.74 -23.24 -4.52
CA ASP B 145 -19.12 -23.75 -5.84
C ASP B 145 -19.52 -22.61 -6.81
N GLN B 146 -19.91 -21.45 -6.27
CA GLN B 146 -20.18 -20.24 -7.04
C GLN B 146 -18.85 -19.58 -7.56
N PHE B 147 -17.69 -20.14 -7.13
CA PHE B 147 -16.33 -19.74 -7.49
C PHE B 147 -15.56 -20.91 -8.15
N LYS B 148 -16.28 -21.84 -8.80
CA LYS B 148 -15.62 -22.96 -9.50
C LYS B 148 -15.00 -22.50 -10.84
N HIS B 149 -15.51 -21.39 -11.41
CA HIS B 149 -14.99 -20.77 -12.63
C HIS B 149 -13.59 -20.15 -12.42
N LEU B 150 -13.15 -19.99 -11.16
CA LEU B 150 -11.85 -19.44 -10.81
C LEU B 150 -10.73 -20.47 -10.82
N ILE B 151 -11.06 -21.79 -10.69
CA ILE B 151 -10.06 -22.85 -10.71
C ILE B 151 -9.20 -22.86 -11.99
N PRO B 152 -9.77 -22.79 -13.22
CA PRO B 152 -8.92 -22.75 -14.41
C PRO B 152 -8.10 -21.46 -14.50
N LEU B 153 -8.62 -20.35 -13.95
CA LEU B 153 -7.95 -19.05 -13.93
C LEU B 153 -6.66 -19.04 -13.13
N MET B 154 -6.47 -20.00 -12.22
CA MET B 154 -5.25 -20.08 -11.42
C MET B 154 -3.99 -20.33 -12.28
N TYR B 155 -4.18 -20.82 -13.53
CA TYR B 155 -3.09 -21.10 -14.47
C TYR B 155 -3.17 -20.27 -15.76
N LYS B 156 -4.21 -19.43 -15.91
CA LYS B 156 -4.34 -18.56 -17.08
C LYS B 156 -4.01 -17.08 -16.76
N GLY B 157 -3.15 -16.85 -15.76
CA GLY B 157 -2.81 -15.51 -15.33
C GLY B 157 -1.58 -14.87 -15.97
N LEU B 158 -1.58 -13.55 -16.02
CA LEU B 158 -0.48 -12.78 -16.59
C LEU B 158 0.31 -12.11 -15.47
N PRO B 159 1.63 -11.90 -15.65
CA PRO B 159 2.41 -11.19 -14.61
C PRO B 159 1.89 -9.75 -14.45
N TRP B 160 1.89 -9.20 -13.22
CA TRP B 160 1.37 -7.86 -12.97
C TRP B 160 1.96 -6.74 -13.83
N ASN B 161 3.26 -6.82 -14.23
CA ASN B 161 3.83 -5.79 -15.10
C ASN B 161 3.06 -5.70 -16.45
N VAL B 162 2.51 -6.83 -16.92
CA VAL B 162 1.72 -6.90 -18.15
C VAL B 162 0.29 -6.43 -17.88
N VAL B 163 -0.34 -6.98 -16.82
CA VAL B 163 -1.71 -6.66 -16.40
C VAL B 163 -1.96 -5.16 -16.25
N ARG B 164 -1.08 -4.43 -15.53
CA ARG B 164 -1.26 -2.99 -15.30
C ARG B 164 -1.09 -2.17 -16.58
N ILE B 165 -0.26 -2.64 -17.52
CA ILE B 165 -0.10 -1.98 -18.82
C ILE B 165 -1.43 -2.11 -19.60
N LYS B 166 -2.08 -3.28 -19.53
CA LYS B 166 -3.39 -3.51 -20.15
C LYS B 166 -4.48 -2.63 -19.54
N ILE B 167 -4.50 -2.45 -18.21
CA ILE B 167 -5.49 -1.60 -17.54
C ILE B 167 -5.33 -0.16 -18.01
N VAL B 168 -4.10 0.39 -17.99
CA VAL B 168 -3.81 1.75 -18.47
C VAL B 168 -4.23 1.91 -19.93
N GLN B 169 -3.97 0.89 -20.74
CA GLN B 169 -4.30 0.90 -22.16
C GLN B 169 -5.81 0.90 -22.39
N MET B 170 -6.55 0.06 -21.67
CA MET B 170 -8.00 -0.02 -21.78
C MET B 170 -8.65 1.28 -21.31
N LEU B 171 -8.18 1.83 -20.19
CA LEU B 171 -8.73 3.07 -19.65
C LEU B 171 -8.48 4.24 -20.60
N SER B 172 -7.29 4.29 -21.20
CA SER B 172 -6.94 5.33 -22.16
C SER B 172 -7.82 5.24 -23.40
N ASP B 173 -7.96 4.04 -23.99
CA ASP B 173 -8.79 3.87 -25.18
C ASP B 173 -10.25 4.24 -24.92
N THR B 174 -10.74 3.93 -23.73
CA THR B 174 -12.12 4.21 -23.37
C THR B 174 -12.37 5.66 -23.00
N LEU B 175 -11.43 6.32 -22.32
CA LEU B 175 -11.69 7.65 -21.77
C LEU B 175 -11.05 8.83 -22.47
N LYS B 176 -10.13 8.62 -23.43
CA LYS B 176 -9.46 9.75 -24.07
C LYS B 176 -10.41 10.79 -24.66
N ASN B 177 -11.51 10.36 -25.29
CA ASN B 177 -12.47 11.32 -25.87
C ASN B 177 -13.70 11.56 -24.97
N LEU B 178 -13.66 11.15 -23.69
CA LEU B 178 -14.79 11.30 -22.79
C LEU B 178 -14.49 12.15 -21.56
N SER B 179 -13.29 12.01 -21.00
CA SER B 179 -12.98 12.70 -19.76
C SER B 179 -11.49 12.97 -19.54
N ASP B 180 -11.18 13.84 -18.60
CA ASP B 180 -9.81 14.10 -18.17
C ASP B 180 -9.48 13.31 -16.87
N ARG B 181 -10.33 12.33 -16.49
CA ARG B 181 -10.26 11.56 -15.23
C ARG B 181 -10.75 10.13 -15.45
N VAL B 182 -10.69 9.33 -14.37
CA VAL B 182 -11.34 8.04 -14.26
C VAL B 182 -11.99 8.03 -12.88
N VAL B 183 -13.25 7.59 -12.80
CA VAL B 183 -13.94 7.44 -11.54
C VAL B 183 -14.32 5.98 -11.48
N PHE B 184 -13.67 5.21 -10.60
CA PHE B 184 -13.98 3.81 -10.47
C PHE B 184 -15.23 3.71 -9.61
N VAL B 185 -16.27 3.06 -10.11
CA VAL B 185 -17.53 2.90 -9.39
C VAL B 185 -17.46 1.52 -8.74
N LEU B 186 -17.40 1.49 -7.40
CA LEU B 186 -17.20 0.26 -6.61
C LEU B 186 -18.42 -0.13 -5.76
N TRP B 187 -18.43 -1.36 -5.23
CA TRP B 187 -19.46 -1.89 -4.32
C TRP B 187 -18.68 -2.71 -3.32
N ALA B 188 -18.59 -2.25 -2.05
CA ALA B 188 -17.78 -2.82 -0.95
C ALA B 188 -16.32 -2.76 -1.44
N HIS B 189 -15.79 -1.53 -1.49
CA HIS B 189 -14.51 -1.15 -2.07
C HIS B 189 -13.24 -1.78 -1.53
N GLY B 190 -13.28 -2.35 -0.33
CA GLY B 190 -12.10 -2.91 0.35
C GLY B 190 -11.10 -3.66 -0.50
N PHE B 191 -11.53 -4.74 -1.15
CA PHE B 191 -10.67 -5.54 -1.98
C PHE B 191 -10.27 -4.85 -3.29
N GLU B 192 -11.13 -4.00 -3.84
CA GLU B 192 -10.80 -3.26 -5.06
C GLU B 192 -9.68 -2.26 -4.77
N LEU B 193 -9.72 -1.62 -3.58
CA LEU B 193 -8.69 -0.67 -3.12
C LEU B 193 -7.36 -1.38 -2.89
N THR B 194 -7.41 -2.64 -2.44
CA THR B 194 -6.24 -3.50 -2.25
C THR B 194 -5.63 -3.78 -3.62
N SER B 195 -6.46 -4.11 -4.60
CA SER B 195 -6.05 -4.36 -5.98
C SER B 195 -5.41 -3.11 -6.59
N MET B 196 -5.96 -1.93 -6.28
CA MET B 196 -5.42 -0.67 -6.77
C MET B 196 -3.97 -0.45 -6.35
N LYS B 197 -3.52 -1.04 -5.25
CA LYS B 197 -2.12 -0.94 -4.82
C LYS B 197 -1.17 -1.50 -5.91
N TYR B 198 -1.64 -2.49 -6.68
CA TYR B 198 -0.90 -3.13 -7.75
C TYR B 198 -0.82 -2.30 -9.07
N PHE B 199 -1.61 -1.22 -9.24
CA PHE B 199 -1.59 -0.46 -10.50
C PHE B 199 -1.91 1.03 -10.38
N VAL B 200 -1.99 1.55 -9.15
CA VAL B 200 -2.29 2.95 -8.92
C VAL B 200 -1.15 3.62 -8.19
N LYS B 201 -0.85 4.85 -8.60
CA LYS B 201 0.13 5.72 -7.96
C LYS B 201 -0.57 7.05 -7.72
N ILE B 202 -0.28 7.69 -6.59
CA ILE B 202 -0.89 8.97 -6.28
C ILE B 202 0.19 10.04 -6.02
N GLY B 203 -0.22 11.30 -6.07
CA GLY B 203 0.65 12.42 -5.79
C GLY B 203 -0.04 13.73 -6.11
N PRO B 204 0.73 14.82 -6.23
CA PRO B 204 0.10 16.09 -6.60
C PRO B 204 -0.43 16.08 -8.04
N GLU B 205 -1.33 17.01 -8.38
CA GLU B 205 -1.85 17.11 -9.74
C GLU B 205 -0.73 17.52 -10.68
N ARG B 206 -0.54 16.74 -11.74
CA ARG B 206 0.52 17.00 -12.70
C ARG B 206 -0.08 17.18 -14.11
N THR B 207 0.74 17.67 -15.06
CA THR B 207 0.26 17.79 -16.43
C THR B 207 0.95 16.75 -17.31
N CYS B 208 0.36 16.46 -18.46
CA CYS B 208 0.95 15.54 -19.40
C CYS B 208 2.26 16.12 -19.96
N CYS B 209 3.23 15.26 -20.28
CA CYS B 209 4.49 15.73 -20.84
C CYS B 209 4.36 16.19 -22.30
N LEU B 210 3.34 15.72 -23.04
CA LEU B 210 3.15 16.10 -24.45
C LEU B 210 2.02 17.10 -24.71
N CYS B 211 1.29 17.52 -23.67
CA CYS B 211 0.20 18.45 -23.84
C CYS B 211 -0.19 19.17 -22.52
N ASP B 212 -1.19 20.05 -22.58
CA ASP B 212 -1.64 20.82 -21.43
C ASP B 212 -2.71 20.08 -20.57
N ARG B 213 -3.19 18.89 -21.02
CA ARG B 213 -4.17 18.12 -20.25
C ARG B 213 -3.57 17.56 -18.96
N ARG B 214 -4.39 17.39 -17.91
CA ARG B 214 -3.93 16.81 -16.64
C ARG B 214 -3.44 15.36 -16.83
N ALA B 215 -2.52 14.91 -15.98
CA ALA B 215 -1.96 13.56 -16.06
C ALA B 215 -2.88 12.54 -15.44
N THR B 216 -3.16 11.47 -16.16
CA THR B 216 -3.94 10.35 -15.67
C THR B 216 -3.12 9.05 -15.61
N CYS B 217 -1.85 9.08 -16.09
CA CYS B 217 -0.95 7.93 -16.20
C CYS B 217 0.45 8.27 -15.72
N PHE B 218 1.20 7.24 -15.33
CA PHE B 218 2.57 7.38 -14.88
C PHE B 218 3.42 6.22 -15.43
N SER B 219 4.70 6.51 -15.72
CA SER B 219 5.62 5.49 -16.23
C SER B 219 6.79 5.33 -15.28
N THR B 220 7.04 4.11 -14.80
CA THR B 220 8.16 3.86 -13.90
C THR B 220 9.49 3.90 -14.65
N ALA B 221 9.50 3.41 -15.91
CA ALA B 221 10.67 3.36 -16.77
C ALA B 221 11.27 4.72 -17.07
N SER B 222 10.42 5.75 -17.22
CA SER B 222 10.90 7.08 -17.54
C SER B 222 10.63 8.15 -16.50
N ASP B 223 9.88 7.82 -15.41
CA ASP B 223 9.50 8.80 -14.37
C ASP B 223 8.73 9.98 -15.01
N THR B 224 7.83 9.65 -15.94
CA THR B 224 7.04 10.65 -16.66
C THR B 224 5.53 10.44 -16.45
N TYR B 225 4.75 11.49 -16.73
CA TYR B 225 3.31 11.52 -16.60
C TYR B 225 2.64 11.78 -17.94
N ALA B 226 1.45 11.23 -18.14
CA ALA B 226 0.74 11.41 -19.40
C ALA B 226 -0.78 11.45 -19.24
N CYS B 227 -1.48 12.07 -20.19
CA CYS B 227 -2.92 12.09 -20.24
C CYS B 227 -3.39 10.73 -20.88
N TRP B 228 -4.69 10.54 -21.11
CA TRP B 228 -5.21 9.34 -21.74
C TRP B 228 -4.80 9.26 -23.24
N HIS B 229 -4.48 10.41 -23.89
CA HIS B 229 -4.10 10.42 -25.31
C HIS B 229 -2.65 10.05 -25.56
N HIS B 230 -1.77 10.29 -24.57
CA HIS B 230 -0.34 10.08 -24.78
C HIS B 230 0.26 9.06 -23.83
N SER B 231 -0.52 8.07 -23.41
CA SER B 231 -0.11 7.07 -22.43
C SER B 231 0.48 5.76 -22.97
N ILE B 232 0.89 5.69 -24.25
CA ILE B 232 1.43 4.44 -24.80
C ILE B 232 2.67 3.95 -24.01
N GLY B 233 2.62 2.71 -23.54
CA GLY B 233 3.71 2.11 -22.76
C GLY B 233 3.68 2.39 -21.27
N PHE B 234 2.76 3.27 -20.81
CA PHE B 234 2.63 3.64 -19.41
C PHE B 234 2.07 2.49 -18.58
N ASP B 235 2.60 2.30 -17.38
CA ASP B 235 2.21 1.16 -16.55
C ASP B 235 1.34 1.50 -15.34
N TYR B 236 1.25 2.78 -14.91
CA TYR B 236 0.45 3.11 -13.74
C TYR B 236 -0.66 4.08 -13.98
N VAL B 237 -1.80 3.83 -13.32
CA VAL B 237 -2.94 4.73 -13.33
C VAL B 237 -2.57 5.77 -12.30
N TYR B 238 -2.53 7.02 -12.71
CA TYR B 238 -2.14 8.11 -11.83
C TYR B 238 -3.32 8.96 -11.39
N ASN B 239 -3.38 9.25 -10.08
CA ASN B 239 -4.42 10.05 -9.42
C ASN B 239 -5.86 9.69 -9.83
N PRO B 240 -6.30 8.41 -9.70
CA PRO B 240 -7.69 8.08 -10.05
C PRO B 240 -8.66 8.54 -8.97
N PHE B 241 -9.94 8.57 -9.33
CA PHE B 241 -10.99 8.89 -8.40
C PHE B 241 -11.89 7.68 -8.23
N MET B 242 -12.67 7.64 -7.16
CA MET B 242 -13.54 6.49 -6.90
C MET B 242 -14.66 6.79 -5.93
N ILE B 243 -15.66 5.90 -5.91
CA ILE B 243 -16.82 6.02 -5.05
C ILE B 243 -17.39 4.63 -4.77
N ASP B 244 -17.88 4.40 -3.56
CA ASP B 244 -18.45 3.11 -3.16
C ASP B 244 -19.99 3.22 -3.10
N VAL B 245 -20.66 2.71 -4.14
CA VAL B 245 -22.11 2.72 -4.26
C VAL B 245 -22.78 2.07 -3.05
N GLN B 246 -22.18 0.99 -2.52
CA GLN B 246 -22.69 0.26 -1.35
C GLN B 246 -22.95 1.17 -0.15
N GLN B 247 -22.18 2.25 -0.01
CA GLN B 247 -22.30 3.18 1.10
C GLN B 247 -23.42 4.19 0.97
N TRP B 248 -24.28 4.05 -0.05
CA TRP B 248 -25.39 4.97 -0.29
C TRP B 248 -26.71 4.53 0.37
N GLY B 249 -26.64 3.72 1.41
CA GLY B 249 -27.82 3.29 2.14
C GLY B 249 -28.53 2.03 1.67
N PHE B 250 -27.97 1.33 0.68
CA PHE B 250 -28.58 0.10 0.17
C PHE B 250 -28.61 -1.00 1.24
N THR B 251 -29.66 -1.82 1.25
CA THR B 251 -29.84 -2.88 2.23
C THR B 251 -29.10 -4.20 1.89
N GLY B 252 -29.42 -4.84 0.77
CA GLY B 252 -28.85 -6.15 0.46
C GLY B 252 -27.61 -6.20 -0.39
N ASN B 253 -27.46 -7.29 -1.15
CA ASN B 253 -26.29 -7.45 -2.02
C ASN B 253 -26.41 -6.61 -3.33
N LEU B 254 -25.33 -6.52 -4.11
CA LEU B 254 -25.28 -5.76 -5.36
C LEU B 254 -26.39 -6.16 -6.35
N GLN B 255 -26.48 -7.45 -6.69
CA GLN B 255 -27.46 -7.93 -7.64
C GLN B 255 -28.90 -7.60 -7.28
N SER B 256 -29.29 -7.75 -6.00
CA SER B 256 -30.67 -7.44 -5.60
C SER B 256 -31.03 -5.96 -5.74
N ASN B 257 -30.08 -5.06 -5.48
CA ASN B 257 -30.33 -3.63 -5.64
C ASN B 257 -30.29 -3.22 -7.13
N HIS B 258 -29.41 -3.86 -7.91
CA HIS B 258 -29.32 -3.62 -9.33
C HIS B 258 -30.63 -4.04 -10.03
N ASP B 259 -31.12 -5.26 -9.71
CA ASP B 259 -32.30 -5.85 -10.31
C ASP B 259 -33.59 -5.12 -10.05
N LEU B 260 -33.61 -4.17 -9.11
CA LEU B 260 -34.82 -3.37 -8.87
C LEU B 260 -35.03 -2.32 -9.97
N TYR B 261 -33.97 -1.86 -10.60
CA TYR B 261 -34.03 -0.86 -11.65
C TYR B 261 -33.74 -1.43 -13.04
N CYS B 262 -33.04 -2.57 -13.12
CA CYS B 262 -32.58 -3.10 -14.39
C CYS B 262 -32.79 -4.60 -14.56
N GLN B 263 -33.17 -5.00 -15.78
CA GLN B 263 -33.40 -6.40 -16.09
C GLN B 263 -32.60 -6.89 -17.31
N VAL B 264 -31.56 -6.15 -17.73
CA VAL B 264 -30.79 -6.50 -18.94
C VAL B 264 -29.31 -6.85 -18.67
N HIS B 265 -28.87 -6.81 -17.39
CA HIS B 265 -27.50 -7.14 -17.04
C HIS B 265 -27.54 -8.34 -16.08
N GLY B 266 -27.73 -9.53 -16.64
CA GLY B 266 -27.79 -10.76 -15.85
C GLY B 266 -26.47 -11.09 -15.19
N ASN B 267 -26.48 -11.97 -14.18
CA ASN B 267 -25.24 -12.32 -13.49
C ASN B 267 -24.53 -13.52 -14.08
N ALA B 268 -23.53 -13.28 -14.94
CA ALA B 268 -22.74 -14.41 -15.45
C ALA B 268 -21.66 -14.87 -14.43
N HIS B 269 -21.61 -14.23 -13.22
CA HIS B 269 -20.76 -14.52 -12.05
C HIS B 269 -19.28 -14.09 -12.19
N VAL B 270 -18.91 -13.45 -13.31
CA VAL B 270 -17.54 -13.01 -13.50
C VAL B 270 -17.36 -11.54 -13.02
N ALA B 271 -16.10 -11.15 -12.75
CA ALA B 271 -15.79 -9.82 -12.25
C ALA B 271 -16.34 -8.66 -13.10
N SER B 272 -16.33 -8.78 -14.44
CA SER B 272 -16.83 -7.71 -15.32
C SER B 272 -18.34 -7.52 -15.21
N CYS B 273 -19.07 -8.59 -14.90
N CYS B 273 -19.09 -8.59 -14.91
CA CYS B 273 -20.52 -8.52 -14.73
CA CYS B 273 -20.54 -8.53 -14.73
C CYS B 273 -20.88 -7.73 -13.48
C CYS B 273 -20.90 -7.75 -13.47
N ASP B 274 -20.11 -7.90 -12.40
CA ASP B 274 -20.33 -7.15 -11.16
C ASP B 274 -19.99 -5.66 -11.39
N ALA B 275 -18.94 -5.39 -12.17
CA ALA B 275 -18.52 -4.05 -12.54
C ALA B 275 -19.58 -3.34 -13.39
N ILE B 276 -20.18 -4.06 -14.36
CA ILE B 276 -21.27 -3.55 -15.19
C ILE B 276 -22.48 -3.21 -14.29
N MET B 277 -22.85 -4.16 -13.40
CA MET B 277 -23.99 -3.99 -12.49
C MET B 277 -23.79 -2.81 -11.53
N THR B 278 -22.55 -2.58 -11.07
CA THR B 278 -22.21 -1.50 -10.14
C THR B 278 -22.39 -0.13 -10.81
N ARG B 279 -21.86 0.03 -12.03
CA ARG B 279 -21.99 1.27 -12.80
C ARG B 279 -23.47 1.49 -13.16
N CYS B 280 -24.17 0.42 -13.61
CA CYS B 280 -25.59 0.52 -13.94
C CYS B 280 -26.42 1.03 -12.76
N LEU B 281 -26.26 0.41 -11.57
CA LEU B 281 -26.97 0.82 -10.35
C LEU B 281 -26.67 2.28 -10.02
N ALA B 282 -25.40 2.69 -10.07
CA ALA B 282 -25.01 4.07 -9.81
C ALA B 282 -25.71 5.06 -10.75
N VAL B 283 -25.79 4.75 -12.06
CA VAL B 283 -26.48 5.64 -13.01
C VAL B 283 -27.96 5.76 -12.62
N HIS B 284 -28.67 4.61 -12.42
CA HIS B 284 -30.09 4.63 -12.06
C HIS B 284 -30.38 5.37 -10.76
N GLU B 285 -29.63 5.07 -9.69
CA GLU B 285 -29.83 5.73 -8.41
C GLU B 285 -29.57 7.25 -8.47
N CYS B 286 -28.56 7.67 -9.25
CA CYS B 286 -28.15 9.06 -9.34
C CYS B 286 -28.94 9.95 -10.28
N PHE B 287 -29.44 9.43 -11.40
CA PHE B 287 -30.07 10.27 -12.41
C PHE B 287 -31.58 10.11 -12.55
N VAL B 288 -32.19 9.18 -11.81
CA VAL B 288 -33.64 8.99 -11.88
C VAL B 288 -34.24 9.63 -10.64
#